data_9EYR
#
_entry.id   9EYR
#
_cell.length_a   65.670
_cell.length_b   65.670
_cell.length_c   263.730
_cell.angle_alpha   90.000
_cell.angle_beta   90.000
_cell.angle_gamma   120.000
#
_symmetry.space_group_name_H-M   'P 65 2 2'
#
loop_
_entity.id
_entity.type
_entity.pdbx_description
1 polymer 'Vitamin D3 receptor A'
2 polymer 'Nuclear receptor coactivator 1'
3 non-polymer (1~{R},3~{S},5~{Z})-5-[(2~{E})-2-[(1~{R},3~{a}~{S},7~{a}~{R})-7~{a}-methyl-1-[(1~{R})-5-methyl-1-[(1~{S},2~{S})-2-(3-methyl-3-oxidanyl-butyl)cyclopropyl]-5-oxidanyl-hexyl]-2,3,3~{a},5,6,7-hexahydro-1~{H}-inden-4-ylidene]ethylidene]-4-methylidene-cyclohexane-1,3-diol
4 water water
#
loop_
_entity_poly.entity_id
_entity_poly.type
_entity_poly.pdbx_seq_one_letter_code
_entity_poly.pdbx_strand_id
1 'polypeptide(L)'
;GSHMLSDEQMQIINSLVEAHHKTYDDSYSDFVRFRPPVREGPVTRSASRAASLHSLSDASSDSFNHSPESVDTKLNFSNL
LMMYQDSGSPDSSEEDQQSRLSMLPHLADLVSYSIQKVIGFAKMIPGFRDLTAEDQIALLKSSAIEIIMLRSNQSFSLED
MSWSCGGPDFKYCINDVTKAGHTLELLEPLVKFQVGLKKLKLHEEEHVLLMAICLLSPDRPGVQDHVRIEALQDRLCDVL
QAYIRIQHPGGRLLYAKMIQKLADLRSLNEEHSKQYRSLSFQPEHSMQLTPLVLEVFGSEVS
;
A
2 'polypeptide(L)' RHKILHRLLQEGSPS B
#
# COMPACT_ATOMS: atom_id res chain seq x y z
N HIS A 3 -29.02 -11.60 -0.94
CA HIS A 3 -29.20 -10.36 -0.21
C HIS A 3 -28.60 -10.42 1.18
N MET A 4 -27.72 -11.40 1.43
CA MET A 4 -27.18 -11.62 2.76
C MET A 4 -25.79 -12.19 2.66
N LEU A 5 -24.88 -11.65 3.46
CA LEU A 5 -23.51 -12.13 3.48
C LEU A 5 -23.44 -13.54 4.06
N SER A 6 -22.59 -14.37 3.46
CA SER A 6 -22.39 -15.72 3.98
C SER A 6 -21.56 -15.67 5.25
N ASP A 7 -21.46 -16.82 5.92
CA ASP A 7 -20.58 -16.93 7.07
C ASP A 7 -19.12 -16.82 6.65
N GLU A 8 -18.75 -17.44 5.53
CA GLU A 8 -17.37 -17.37 5.08
C GLU A 8 -16.98 -15.96 4.67
N GLN A 9 -17.87 -15.27 3.95
CA GLN A 9 -17.59 -13.89 3.57
C GLN A 9 -17.47 -12.97 4.77
N MET A 10 -18.23 -13.25 5.85
CA MET A 10 -18.08 -12.46 7.06
C MET A 10 -16.74 -12.72 7.73
N GLN A 11 -16.34 -14.00 7.83
CA GLN A 11 -15.06 -14.32 8.44
C GLN A 11 -13.90 -13.69 7.68
N ILE A 12 -13.98 -13.67 6.34
CA ILE A 12 -12.96 -13.01 5.54
C ILE A 12 -12.92 -11.52 5.85
N ILE A 13 -14.09 -10.91 6.06
CA ILE A 13 -14.14 -9.50 6.43
C ILE A 13 -13.58 -9.30 7.84
N ASN A 14 -13.95 -10.19 8.77
CA ASN A 14 -13.45 -10.07 10.13
C ASN A 14 -11.93 -10.17 10.19
N SER A 15 -11.35 -11.08 9.39
CA SER A 15 -9.90 -11.26 9.42
C SER A 15 -9.17 -10.04 8.89
N LEU A 16 -9.70 -9.43 7.83
CA LEU A 16 -9.01 -8.29 7.22
C LEU A 16 -9.09 -7.05 8.11
N VAL A 17 -10.26 -6.79 8.71
CA VAL A 17 -10.40 -5.61 9.57
C VAL A 17 -9.50 -5.74 10.80
N GLU A 18 -9.48 -6.92 11.42
CA GLU A 18 -8.57 -7.15 12.54
C GLU A 18 -7.11 -6.99 12.11
N ALA A 19 -6.75 -7.57 10.97
CA ALA A 19 -5.37 -7.45 10.48
C ALA A 19 -5.00 -5.99 10.25
N HIS A 20 -5.89 -5.20 9.68
CA HIS A 20 -5.59 -3.79 9.45
C HIS A 20 -5.49 -3.03 10.76
N HIS A 21 -6.38 -3.34 11.71
CA HIS A 21 -6.29 -2.71 13.03
C HIS A 21 -5.02 -3.11 13.76
N LYS A 22 -4.50 -4.30 13.48
CA LYS A 22 -3.25 -4.76 14.08
C LYS A 22 -2.03 -4.15 13.42
N THR A 23 -2.18 -3.47 12.27
CA THR A 23 -1.03 -3.01 11.50
C THR A 23 -1.13 -1.55 11.08
N TYR A 24 -2.08 -0.78 11.60
CA TYR A 24 -2.18 0.64 11.29
C TYR A 24 -2.49 1.41 12.56
N ASP A 25 -1.61 2.35 12.90
CA ASP A 25 -1.75 3.21 14.07
C ASP A 25 -2.25 4.57 13.63
N ASP A 26 -3.48 4.90 14.01
CA ASP A 26 -4.05 6.22 13.70
C ASP A 26 -3.42 7.34 14.52
N SER A 27 -2.67 7.02 15.56
CA SER A 27 -1.94 8.03 16.32
C SER A 27 -0.58 8.34 15.73
N TYR A 28 -0.02 7.44 14.91
CA TYR A 28 1.26 7.66 14.24
C TYR A 28 2.37 7.94 15.24
N SER A 29 2.33 7.25 16.38
CA SER A 29 3.25 7.52 17.47
C SER A 29 4.62 6.88 17.27
N ASP A 30 4.75 5.93 16.34
CA ASP A 30 6.07 5.37 16.04
C ASP A 30 6.93 6.30 15.21
N PHE A 31 6.39 7.43 14.74
CA PHE A 31 7.11 8.27 13.80
C PHE A 31 8.25 9.03 14.46
N VAL A 32 8.20 9.22 15.78
CA VAL A 32 9.33 9.82 16.49
C VAL A 32 10.56 8.92 16.42
N ARG A 33 10.36 7.63 16.09
CA ARG A 33 11.48 6.70 15.95
C ARG A 33 12.16 6.79 14.59
N PHE A 34 11.54 7.46 13.62
CA PHE A 34 12.18 7.64 12.32
C PHE A 34 13.26 8.71 12.39
N ARG A 35 14.13 8.72 11.40
CA ARG A 35 15.05 9.85 11.24
C ARG A 35 14.22 11.12 11.09
N PRO A 36 14.53 12.18 11.82
CA PRO A 36 13.65 13.34 11.84
C PRO A 36 13.59 13.99 10.47
N PRO A 37 12.46 14.60 10.12
CA PRO A 37 12.35 15.29 8.83
C PRO A 37 13.13 16.60 8.83
N VAL A 38 13.64 16.96 7.66
CA VAL A 38 14.37 18.20 7.47
C VAL A 38 13.82 18.89 6.24
N ARG A 39 13.48 20.17 6.38
CA ARG A 39 12.87 20.93 5.29
C ARG A 39 13.63 22.24 5.05
N ARG A 100 19.09 19.32 -1.21
CA ARG A 100 19.75 18.10 -1.67
C ARG A 100 19.08 16.88 -1.05
N LEU A 101 17.86 16.63 -1.51
CA LEU A 101 17.03 15.50 -1.05
C LEU A 101 16.98 15.46 0.48
N SER A 102 16.53 16.57 1.06
CA SER A 102 16.60 16.77 2.50
C SER A 102 15.66 15.83 3.26
N MET A 103 14.49 15.54 2.70
CA MET A 103 13.49 14.72 3.37
C MET A 103 13.68 13.23 3.14
N LEU A 104 14.66 12.83 2.32
CA LEU A 104 14.80 11.42 1.95
C LEU A 104 14.97 10.49 3.15
N PRO A 105 15.82 10.78 4.14
CA PRO A 105 15.98 9.82 5.26
C PRO A 105 14.70 9.58 6.03
N HIS A 106 13.89 10.61 6.27
CA HIS A 106 12.65 10.42 7.00
C HIS A 106 11.66 9.59 6.20
N LEU A 107 11.46 9.93 4.92
CA LEU A 107 10.52 9.18 4.09
C LEU A 107 10.98 7.74 3.89
N ALA A 108 12.29 7.51 3.78
CA ALA A 108 12.79 6.15 3.67
C ALA A 108 12.44 5.34 4.91
N ASP A 109 12.67 5.91 6.10
CA ASP A 109 12.25 5.24 7.32
C ASP A 109 10.74 5.05 7.36
N LEU A 110 9.99 6.02 6.83
CA LEU A 110 8.54 5.92 6.80
C LEU A 110 8.09 4.74 5.94
N VAL A 111 8.66 4.64 4.73
CA VAL A 111 8.28 3.56 3.82
C VAL A 111 8.74 2.21 4.36
N SER A 112 9.97 2.15 4.89
CA SER A 112 10.47 0.90 5.47
C SER A 112 9.57 0.42 6.59
N TYR A 113 9.07 1.34 7.41
CA TYR A 113 8.14 0.99 8.47
C TYR A 113 6.83 0.48 7.90
N SER A 114 6.29 1.16 6.89
CA SER A 114 5.02 0.75 6.31
C SER A 114 5.13 -0.61 5.63
N ILE A 115 6.29 -0.93 5.06
CA ILE A 115 6.47 -2.23 4.42
C ILE A 115 6.34 -3.35 5.44
N GLN A 116 6.92 -3.16 6.63
CA GLN A 116 6.75 -4.15 7.70
C GLN A 116 5.28 -4.31 8.08
N LYS A 117 4.51 -3.22 8.04
CA LYS A 117 3.09 -3.30 8.37
C LYS A 117 2.30 -3.97 7.25
N VAL A 118 2.65 -3.68 5.99
CA VAL A 118 2.01 -4.35 4.87
C VAL A 118 2.30 -5.85 4.92
N ILE A 119 3.54 -6.21 5.26
CA ILE A 119 3.89 -7.63 5.38
C ILE A 119 3.06 -8.28 6.47
N GLY A 120 2.92 -7.61 7.61
CA GLY A 120 2.06 -8.14 8.67
C GLY A 120 0.63 -8.30 8.21
N PHE A 121 0.11 -7.28 7.51
CA PHE A 121 -1.24 -7.36 6.98
C PHE A 121 -1.39 -8.50 5.98
N ALA A 122 -0.37 -8.69 5.12
CA ALA A 122 -0.46 -9.70 4.07
C ALA A 122 -0.56 -11.11 4.65
N LYS A 123 0.26 -11.41 5.67
CA LYS A 123 0.27 -12.73 6.26
C LYS A 123 -1.05 -13.09 6.93
N MET A 124 -1.95 -12.13 7.11
CA MET A 124 -3.27 -12.41 7.67
C MET A 124 -4.38 -12.40 6.62
N ILE A 125 -4.07 -12.04 5.38
CA ILE A 125 -5.03 -12.25 4.30
C ILE A 125 -5.28 -13.75 4.16
N PRO A 126 -6.53 -14.22 4.16
CA PRO A 126 -6.78 -15.66 4.07
C PRO A 126 -6.29 -16.21 2.74
N GLY A 127 -5.50 -17.28 2.82
CA GLY A 127 -4.93 -17.93 1.65
C GLY A 127 -3.53 -17.50 1.30
N PHE A 128 -3.08 -16.36 1.81
CA PHE A 128 -1.76 -15.85 1.45
C PHE A 128 -0.66 -16.75 1.98
N ARG A 129 -0.77 -17.19 3.24
CA ARG A 129 0.28 -18.01 3.84
C ARG A 129 0.38 -19.38 3.18
N ASP A 130 -0.64 -19.82 2.45
CA ASP A 130 -0.55 -21.09 1.73
C ASP A 130 0.24 -20.98 0.45
N LEU A 131 0.45 -19.77 -0.07
CA LEU A 131 1.30 -19.59 -1.23
C LEU A 131 2.76 -19.90 -0.88
N THR A 132 3.54 -20.23 -1.91
CA THR A 132 4.97 -20.43 -1.71
C THR A 132 5.62 -19.12 -1.28
N ALA A 133 6.75 -19.26 -0.58
CA ALA A 133 7.50 -18.07 -0.17
C ALA A 133 7.90 -17.23 -1.37
N GLU A 134 8.11 -17.86 -2.53
CA GLU A 134 8.45 -17.12 -3.74
C GLU A 134 7.29 -16.23 -4.18
N ASP A 135 6.09 -16.81 -4.32
CA ASP A 135 4.94 -16.03 -4.75
C ASP A 135 4.62 -14.92 -3.75
N GLN A 136 4.77 -15.20 -2.46
CA GLN A 136 4.55 -14.17 -1.45
C GLN A 136 5.51 -13.00 -1.65
N ILE A 137 6.79 -13.30 -1.86
CA ILE A 137 7.76 -12.25 -2.16
C ILE A 137 7.40 -11.54 -3.46
N ALA A 138 7.05 -12.31 -4.49
CA ALA A 138 6.72 -11.71 -5.78
C ALA A 138 5.56 -10.75 -5.66
N LEU A 139 4.51 -11.15 -4.93
CA LEU A 139 3.36 -10.26 -4.74
C LEU A 139 3.73 -9.07 -3.87
N LEU A 140 4.54 -9.31 -2.83
CA LEU A 140 4.92 -8.22 -1.94
C LEU A 140 5.74 -7.16 -2.67
N LYS A 141 6.74 -7.59 -3.44
CA LYS A 141 7.63 -6.64 -4.09
C LYS A 141 6.89 -5.79 -5.13
N SER A 142 5.96 -6.38 -5.86
CA SER A 142 5.30 -5.65 -6.95
C SER A 142 4.22 -4.71 -6.44
N SER A 143 3.54 -5.05 -5.34
CA SER A 143 2.41 -4.28 -4.85
C SER A 143 2.73 -3.46 -3.61
N ALA A 144 3.94 -3.56 -3.07
CA ALA A 144 4.26 -2.87 -1.81
C ALA A 144 3.94 -1.39 -1.89
N ILE A 145 4.41 -0.73 -2.95
CA ILE A 145 4.20 0.72 -3.05
C ILE A 145 2.73 1.03 -3.27
N GLU A 146 1.98 0.13 -3.92
CA GLU A 146 0.56 0.38 -4.15
C GLU A 146 -0.23 0.27 -2.87
N ILE A 147 0.08 -0.72 -2.03
CA ILE A 147 -0.59 -0.84 -0.74
C ILE A 147 -0.29 0.38 0.13
N ILE A 148 0.95 0.87 0.06
CA ILE A 148 1.34 2.04 0.84
C ILE A 148 0.53 3.26 0.43
N MET A 149 0.38 3.47 -0.88
CA MET A 149 -0.44 4.59 -1.36
C MET A 149 -1.91 4.42 -0.98
N LEU A 150 -2.40 3.18 -0.94
CA LEU A 150 -3.78 2.95 -0.52
C LEU A 150 -3.96 3.27 0.96
N ARG A 151 -3.07 2.73 1.82
CA ARG A 151 -3.24 2.90 3.25
C ARG A 151 -2.97 4.33 3.69
N SER A 152 -2.13 5.05 2.95
CA SER A 152 -1.85 6.44 3.29
C SER A 152 -3.09 7.32 3.21
N ASN A 153 -4.12 6.87 2.49
CA ASN A 153 -5.33 7.67 2.35
C ASN A 153 -6.01 7.92 3.69
N GLN A 154 -5.84 6.99 4.64
CA GLN A 154 -6.38 7.20 5.98
C GLN A 154 -5.81 8.44 6.65
N SER A 155 -4.58 8.83 6.29
CA SER A 155 -3.97 10.03 6.84
C SER A 155 -4.14 11.25 5.95
N PHE A 156 -4.49 11.07 4.68
CA PHE A 156 -4.64 12.20 3.78
C PHE A 156 -5.84 13.04 4.18
N SER A 157 -5.61 14.35 4.31
CA SER A 157 -6.65 15.30 4.67
C SER A 157 -7.00 16.14 3.44
N LEU A 158 -8.30 16.27 3.16
CA LEU A 158 -8.72 17.06 2.01
C LEU A 158 -8.54 18.55 2.23
N GLU A 159 -8.60 19.00 3.48
CA GLU A 159 -8.54 20.43 3.77
C GLU A 159 -7.20 21.03 3.35
N ASP A 160 -6.10 20.43 3.79
CA ASP A 160 -4.77 20.93 3.47
C ASP A 160 -4.08 20.12 2.37
N MET A 161 -4.75 19.13 1.79
CA MET A 161 -4.23 18.36 0.67
C MET A 161 -2.89 17.69 1.00
N SER A 162 -2.72 17.24 2.24
CA SER A 162 -1.47 16.65 2.68
C SER A 162 -1.77 15.43 3.55
N TRP A 163 -0.72 14.73 3.95
CA TRP A 163 -0.81 13.62 4.89
C TRP A 163 -0.49 14.15 6.28
N SER A 164 -1.53 14.28 7.11
CA SER A 164 -1.39 14.88 8.44
C SER A 164 -1.21 13.76 9.46
N CYS A 165 0.05 13.40 9.71
CA CYS A 165 0.39 12.38 10.70
C CYS A 165 0.93 12.98 11.99
N GLY A 166 0.85 14.30 12.14
CA GLY A 166 1.36 14.94 13.34
C GLY A 166 1.23 16.44 13.22
N GLY A 167 1.98 17.14 14.06
CA GLY A 167 2.00 18.59 14.02
C GLY A 167 2.76 19.10 12.81
N PRO A 168 3.72 20.00 13.05
CA PRO A 168 4.54 20.49 11.92
C PRO A 168 5.41 19.41 11.30
N ASP A 169 5.91 18.48 12.11
CA ASP A 169 6.91 17.53 11.63
C ASP A 169 6.29 16.53 10.65
N PHE A 170 5.23 15.84 11.06
CA PHE A 170 4.73 14.68 10.34
C PHE A 170 3.52 15.01 9.47
N LYS A 171 3.35 16.28 9.10
CA LYS A 171 2.37 16.69 8.09
C LYS A 171 3.10 16.79 6.75
N TYR A 172 2.79 15.87 5.84
CA TYR A 172 3.56 15.68 4.61
C TYR A 172 2.81 16.33 3.45
N CYS A 173 3.29 17.47 2.99
CA CYS A 173 2.71 18.16 1.86
C CYS A 173 3.53 17.89 0.60
N ILE A 174 3.21 18.61 -0.48
CA ILE A 174 3.77 18.28 -1.79
C ILE A 174 5.27 18.60 -1.83
N ASN A 175 5.66 19.77 -1.33
CA ASN A 175 7.06 20.17 -1.42
C ASN A 175 7.98 19.30 -0.57
N ASP A 176 7.43 18.55 0.38
CA ASP A 176 8.26 17.66 1.18
C ASP A 176 8.69 16.44 0.38
N VAL A 177 7.77 15.87 -0.40
CA VAL A 177 8.12 14.75 -1.28
C VAL A 177 9.09 15.19 -2.37
N THR A 178 9.09 16.48 -2.72
CA THR A 178 10.06 17.01 -3.67
C THR A 178 11.48 16.85 -3.13
N LYS A 179 11.67 17.06 -1.83
CA LYS A 179 12.98 16.92 -1.20
C LYS A 179 13.29 15.45 -0.96
N ALA A 180 12.78 14.57 -1.83
CA ALA A 180 13.06 13.14 -1.76
C ALA A 180 13.26 12.55 -3.14
N GLY A 181 13.70 13.37 -4.10
CA GLY A 181 13.99 12.90 -5.43
C GLY A 181 12.85 12.93 -6.42
N HIS A 182 11.68 13.41 -6.01
CA HIS A 182 10.52 13.47 -6.89
C HIS A 182 10.22 14.91 -7.29
N THR A 183 9.63 15.08 -8.46
CA THR A 183 9.32 16.40 -8.99
C THR A 183 7.86 16.74 -8.77
N LEU A 184 7.57 18.05 -8.80
CA LEU A 184 6.19 18.51 -8.63
C LEU A 184 5.28 17.95 -9.71
N GLU A 185 5.80 17.83 -10.93
CA GLU A 185 4.98 17.35 -12.04
C GLU A 185 4.55 15.90 -11.84
N LEU A 186 5.51 15.00 -11.58
CA LEU A 186 5.18 13.60 -11.39
C LEU A 186 4.42 13.35 -10.10
N LEU A 187 4.47 14.28 -9.13
CA LEU A 187 3.69 14.17 -7.91
C LEU A 187 2.20 14.42 -8.12
N GLU A 188 1.79 14.81 -9.33
CA GLU A 188 0.41 15.23 -9.53
C GLU A 188 -0.58 14.07 -9.44
N PRO A 189 -0.40 12.95 -10.16
CA PRO A 189 -1.42 11.88 -10.09
C PRO A 189 -1.53 11.22 -8.73
N LEU A 190 -0.49 11.29 -7.89
CA LEU A 190 -0.62 10.79 -6.53
C LEU A 190 -1.66 11.59 -5.75
N VAL A 191 -1.59 12.92 -5.86
CA VAL A 191 -2.55 13.77 -5.14
C VAL A 191 -3.96 13.54 -5.66
N LYS A 192 -4.12 13.51 -6.99
CA LYS A 192 -5.45 13.30 -7.56
C LYS A 192 -6.00 11.93 -7.18
N PHE A 193 -5.14 10.91 -7.13
CA PHE A 193 -5.58 9.59 -6.68
C PHE A 193 -6.10 9.64 -5.25
N GLN A 194 -5.35 10.32 -4.36
CA GLN A 194 -5.76 10.38 -2.97
C GLN A 194 -7.08 11.13 -2.80
N VAL A 195 -7.29 12.20 -3.58
CA VAL A 195 -8.53 12.96 -3.48
C VAL A 195 -9.71 12.11 -3.93
N GLY A 196 -9.60 11.50 -5.11
CA GLY A 196 -10.68 10.65 -5.61
C GLY A 196 -10.94 9.46 -4.71
N LEU A 197 -9.89 8.89 -4.14
CA LEU A 197 -10.08 7.80 -3.18
C LEU A 197 -10.75 8.30 -1.90
N LYS A 198 -10.38 9.50 -1.45
CA LYS A 198 -11.01 10.07 -0.27
C LYS A 198 -12.49 10.36 -0.50
N LYS A 199 -12.86 10.72 -1.72
CA LYS A 199 -14.25 11.05 -2.02
C LYS A 199 -15.16 9.83 -2.02
N LEU A 200 -14.60 8.63 -2.20
CA LEU A 200 -15.44 7.43 -2.17
C LEU A 200 -15.99 7.13 -0.78
N LYS A 201 -15.40 7.71 0.27
CA LYS A 201 -15.86 7.54 1.64
C LYS A 201 -16.02 6.06 1.98
N LEU A 202 -15.00 5.29 1.64
CA LEU A 202 -15.05 3.84 1.81
C LEU A 202 -15.24 3.45 3.27
N HIS A 203 -16.05 2.43 3.49
CA HIS A 203 -16.07 1.78 4.79
C HIS A 203 -14.74 1.08 5.01
N GLU A 204 -14.40 0.85 6.27
CA GLU A 204 -13.18 0.12 6.59
C GLU A 204 -13.14 -1.23 5.89
N GLU A 205 -14.27 -1.93 5.84
CA GLU A 205 -14.34 -3.20 5.13
C GLU A 205 -13.98 -3.03 3.66
N GLU A 206 -14.56 -2.02 3.00
CA GLU A 206 -14.22 -1.76 1.60
C GLU A 206 -12.77 -1.34 1.46
N HIS A 207 -12.28 -0.48 2.35
CA HIS A 207 -10.88 -0.07 2.30
C HIS A 207 -9.95 -1.25 2.49
N VAL A 208 -10.22 -2.09 3.49
CA VAL A 208 -9.35 -3.22 3.78
C VAL A 208 -9.51 -4.30 2.71
N LEU A 209 -10.71 -4.46 2.14
CA LEU A 209 -10.89 -5.41 1.05
C LEU A 209 -10.15 -4.98 -0.21
N LEU A 210 -10.08 -3.66 -0.46
CA LEU A 210 -9.38 -3.18 -1.64
C LEU A 210 -7.88 -3.41 -1.52
N MET A 211 -7.32 -3.25 -0.32
CA MET A 211 -5.90 -3.53 -0.11
C MET A 211 -5.58 -4.99 -0.39
N ALA A 212 -6.42 -5.90 0.11
CA ALA A 212 -6.16 -7.32 -0.09
C ALA A 212 -6.31 -7.71 -1.56
N ILE A 213 -7.30 -7.14 -2.25
CA ILE A 213 -7.47 -7.42 -3.67
C ILE A 213 -6.27 -6.93 -4.46
N CYS A 214 -5.77 -5.74 -4.12
CA CYS A 214 -4.60 -5.20 -4.79
C CYS A 214 -3.40 -6.12 -4.64
N LEU A 215 -3.13 -6.56 -3.40
CA LEU A 215 -1.97 -7.39 -3.14
C LEU A 215 -2.05 -8.73 -3.88
N LEU A 216 -3.26 -9.27 -4.00
CA LEU A 216 -3.47 -10.59 -4.61
C LEU A 216 -3.70 -10.52 -6.11
N SER A 217 -3.15 -9.52 -6.77
CA SER A 217 -3.27 -9.45 -8.22
C SER A 217 -2.40 -10.53 -8.85
N PRO A 218 -2.96 -11.43 -9.66
CA PRO A 218 -2.12 -12.39 -10.37
C PRO A 218 -1.22 -11.76 -11.41
N ASP A 219 -1.49 -10.53 -11.84
CA ASP A 219 -0.71 -9.88 -12.89
C ASP A 219 0.45 -9.09 -12.27
N ARG A 220 1.38 -9.82 -11.68
CA ARG A 220 2.59 -9.20 -11.19
C ARG A 220 3.80 -9.88 -11.80
N PRO A 221 4.85 -9.12 -12.14
CA PRO A 221 6.09 -9.75 -12.59
C PRO A 221 6.70 -10.59 -11.47
N GLY A 222 6.77 -11.90 -11.70
CA GLY A 222 7.39 -12.79 -10.73
C GLY A 222 6.52 -13.95 -10.31
N VAL A 223 5.20 -13.73 -10.21
CA VAL A 223 4.33 -14.78 -9.67
C VAL A 223 4.38 -16.01 -10.56
N GLN A 224 4.18 -17.18 -9.93
CA GLN A 224 4.20 -18.46 -10.62
C GLN A 224 2.81 -19.08 -10.69
N ASP A 225 2.22 -19.38 -9.52
CA ASP A 225 0.87 -19.94 -9.46
C ASP A 225 -0.17 -18.81 -9.56
N HIS A 226 -0.13 -18.13 -10.71
CA HIS A 226 -1.10 -17.07 -10.98
C HIS A 226 -2.53 -17.59 -11.02
N VAL A 227 -2.72 -18.87 -11.32
CA VAL A 227 -4.06 -19.46 -11.33
C VAL A 227 -4.68 -19.38 -9.93
N ARG A 228 -3.90 -19.72 -8.90
CA ARG A 228 -4.46 -19.75 -7.55
C ARG A 228 -4.45 -18.37 -6.89
N ILE A 229 -3.53 -17.50 -7.28
CA ILE A 229 -3.59 -16.11 -6.82
C ILE A 229 -4.80 -15.41 -7.42
N GLU A 230 -5.07 -15.66 -8.70
CA GLU A 230 -6.30 -15.17 -9.30
C GLU A 230 -7.53 -15.74 -8.61
N ALA A 231 -7.46 -17.02 -8.23
CA ALA A 231 -8.58 -17.64 -7.51
C ALA A 231 -8.84 -16.94 -6.18
N LEU A 232 -7.78 -16.63 -5.44
CA LEU A 232 -7.94 -15.94 -4.17
C LEU A 232 -8.47 -14.52 -4.36
N GLN A 233 -8.00 -13.84 -5.41
CA GLN A 233 -8.42 -12.45 -5.62
C GLN A 233 -9.88 -12.35 -6.01
N ASP A 234 -10.37 -13.30 -6.82
CA ASP A 234 -11.77 -13.27 -7.24
C ASP A 234 -12.70 -13.54 -6.06
N ARG A 235 -12.29 -14.42 -5.15
CA ARG A 235 -13.07 -14.63 -3.93
C ARG A 235 -13.20 -13.34 -3.14
N LEU A 236 -12.10 -12.57 -3.03
CA LEU A 236 -12.16 -11.29 -2.35
C LEU A 236 -13.01 -10.28 -3.13
N CYS A 237 -12.93 -10.31 -4.46
CA CYS A 237 -13.77 -9.43 -5.26
C CYS A 237 -15.24 -9.75 -5.08
N ASP A 238 -15.57 -11.04 -4.93
CA ASP A 238 -16.94 -11.44 -4.64
C ASP A 238 -17.39 -10.86 -3.29
N VAL A 239 -16.51 -10.89 -2.29
CA VAL A 239 -16.86 -10.37 -0.97
C VAL A 239 -17.13 -8.87 -1.05
N LEU A 240 -16.29 -8.13 -1.78
CA LEU A 240 -16.47 -6.69 -1.88
C LEU A 240 -17.79 -6.35 -2.58
N GLN A 241 -18.07 -7.01 -3.72
CA GLN A 241 -19.33 -6.78 -4.42
C GLN A 241 -20.52 -7.06 -3.52
N ALA A 242 -20.50 -8.19 -2.81
CA ALA A 242 -21.61 -8.52 -1.93
C ALA A 242 -21.74 -7.52 -0.78
N TYR A 243 -20.62 -7.13 -0.19
CA TYR A 243 -20.68 -6.20 0.94
C TYR A 243 -21.22 -4.85 0.49
N ILE A 244 -20.72 -4.32 -0.63
CA ILE A 244 -21.23 -3.05 -1.16
C ILE A 244 -22.72 -3.16 -1.45
N ARG A 245 -23.14 -4.27 -2.03
CA ARG A 245 -24.52 -4.40 -2.49
C ARG A 245 -25.51 -4.45 -1.34
N ILE A 246 -25.14 -5.12 -0.24
CA ILE A 246 -26.08 -5.37 0.85
C ILE A 246 -25.78 -4.56 2.10
N GLN A 247 -24.62 -3.91 2.21
CA GLN A 247 -24.27 -3.18 3.41
C GLN A 247 -23.87 -1.73 3.18
N HIS A 248 -23.83 -1.26 1.93
CA HIS A 248 -23.47 0.13 1.64
C HIS A 248 -24.60 0.78 0.85
N PRO A 249 -25.43 1.60 1.49
CA PRO A 249 -26.49 2.30 0.75
C PRO A 249 -25.90 3.32 -0.21
N GLY A 250 -26.54 3.43 -1.37
CA GLY A 250 -26.07 4.36 -2.39
C GLY A 250 -24.69 4.05 -2.93
N GLY A 251 -24.36 2.76 -3.05
CA GLY A 251 -23.07 2.37 -3.60
C GLY A 251 -23.22 1.60 -4.89
N ARG A 252 -24.20 2.00 -5.71
CA ARG A 252 -24.52 1.24 -6.91
C ARG A 252 -23.35 1.18 -7.89
N LEU A 253 -22.49 2.19 -7.88
CA LEU A 253 -21.35 2.24 -8.78
C LEU A 253 -20.02 2.20 -8.04
N LEU A 254 -20.03 1.95 -6.72
CA LEU A 254 -18.80 2.05 -5.93
C LEU A 254 -17.79 0.98 -6.34
N TYR A 255 -18.22 -0.27 -6.52
CA TYR A 255 -17.30 -1.34 -6.86
C TYR A 255 -16.56 -1.03 -8.17
N ALA A 256 -17.28 -0.53 -9.17
CA ALA A 256 -16.64 -0.15 -10.43
C ALA A 256 -15.60 0.93 -10.21
N LYS A 257 -15.90 1.91 -9.35
CA LYS A 257 -14.95 2.98 -9.09
C LYS A 257 -13.72 2.48 -8.36
N MET A 258 -13.90 1.51 -7.45
CA MET A 258 -12.75 0.95 -6.75
C MET A 258 -11.83 0.19 -7.69
N ILE A 259 -12.41 -0.56 -8.63
CA ILE A 259 -11.59 -1.24 -9.64
C ILE A 259 -10.85 -0.22 -10.49
N GLN A 260 -11.45 0.94 -10.72
CA GLN A 260 -10.77 1.99 -11.47
C GLN A 260 -9.53 2.49 -10.73
N LYS A 261 -9.64 2.66 -9.41
CA LYS A 261 -8.49 3.10 -8.62
C LYS A 261 -7.34 2.10 -8.70
N LEU A 262 -7.66 0.80 -8.83
CA LEU A 262 -6.61 -0.19 -8.97
C LEU A 262 -5.77 0.04 -10.22
N ALA A 263 -6.43 0.34 -11.34
CA ALA A 263 -5.70 0.63 -12.57
C ALA A 263 -4.86 1.89 -12.42
N ASP A 264 -5.36 2.87 -11.67
CA ASP A 264 -4.59 4.08 -11.41
C ASP A 264 -3.31 3.76 -10.62
N LEU A 265 -3.41 2.85 -9.65
CA LEU A 265 -2.24 2.46 -8.88
C LEU A 265 -1.16 1.84 -9.75
N ARG A 266 -1.55 1.12 -10.81
CA ARG A 266 -0.56 0.53 -11.70
C ARG A 266 0.32 1.60 -12.34
N SER A 267 -0.29 2.71 -12.77
CA SER A 267 0.48 3.77 -13.40
C SER A 267 1.33 4.52 -12.38
N LEU A 268 0.75 4.81 -11.21
CA LEU A 268 1.54 5.38 -10.12
C LEU A 268 2.69 4.46 -9.73
N ASN A 269 2.46 3.16 -9.76
CA ASN A 269 3.51 2.19 -9.45
C ASN A 269 4.63 2.27 -10.47
N GLU A 270 4.28 2.36 -11.76
CA GLU A 270 5.31 2.43 -12.79
C GLU A 270 6.10 3.73 -12.72
N GLU A 271 5.44 4.83 -12.37
CA GLU A 271 6.16 6.10 -12.22
C GLU A 271 7.11 6.06 -11.03
N HIS A 272 6.69 5.44 -9.92
CA HIS A 272 7.60 5.29 -8.80
C HIS A 272 8.76 4.36 -9.16
N SER A 273 8.48 3.29 -9.89
CA SER A 273 9.54 2.37 -10.32
C SER A 273 10.67 3.10 -11.04
N LYS A 274 10.32 4.04 -11.92
CA LYS A 274 11.35 4.75 -12.67
C LYS A 274 12.04 5.81 -11.83
N GLN A 275 11.28 6.55 -11.01
CA GLN A 275 11.91 7.50 -10.10
C GLN A 275 12.82 6.79 -9.10
N TYR A 276 12.50 5.54 -8.75
CA TYR A 276 13.32 4.83 -7.78
C TYR A 276 14.61 4.33 -8.42
N ARG A 277 14.55 3.93 -9.69
CA ARG A 277 15.76 3.49 -10.36
C ARG A 277 16.80 4.59 -10.41
N SER A 278 16.36 5.84 -10.58
CA SER A 278 17.26 6.99 -10.47
C SER A 278 17.89 7.04 -9.07
N LEU A 279 17.06 6.96 -8.04
CA LEU A 279 17.56 7.01 -6.66
C LEU A 279 18.53 5.88 -6.38
N SER A 280 18.15 4.65 -6.68
CA SER A 280 18.98 3.49 -6.37
C SER A 280 20.25 3.42 -7.21
N PHE A 281 20.34 4.15 -8.32
CA PHE A 281 21.55 4.17 -9.13
C PHE A 281 22.54 5.24 -8.69
N GLN A 282 22.15 6.13 -7.79
CA GLN A 282 23.07 7.12 -7.24
C GLN A 282 23.46 6.69 -5.84
N PRO A 283 24.68 6.19 -5.63
CA PRO A 283 25.02 5.62 -4.32
C PRO A 283 24.88 6.58 -3.16
N GLU A 284 25.10 7.89 -3.38
CA GLU A 284 24.96 8.85 -2.29
C GLU A 284 23.51 9.02 -1.86
N HIS A 285 22.55 8.66 -2.71
CA HIS A 285 21.14 8.67 -2.33
C HIS A 285 20.69 7.30 -1.82
N SER A 286 21.09 6.22 -2.50
CA SER A 286 20.68 4.88 -2.08
C SER A 286 21.24 4.52 -0.71
N MET A 287 22.35 5.13 -0.30
CA MET A 287 22.84 4.91 1.07
C MET A 287 21.90 5.47 2.11
N GLN A 288 21.03 6.39 1.73
CA GLN A 288 20.03 6.94 2.65
C GLN A 288 18.86 6.00 2.86
N LEU A 289 18.69 4.99 2.02
CA LEU A 289 17.59 4.06 2.14
C LEU A 289 17.85 3.08 3.27
N THR A 290 16.90 2.19 3.52
CA THR A 290 17.04 1.13 4.50
C THR A 290 17.23 -0.21 3.81
N PRO A 291 17.80 -1.20 4.51
CA PRO A 291 17.94 -2.53 3.90
C PRO A 291 16.63 -3.11 3.38
N LEU A 292 15.54 -2.92 4.11
CA LEU A 292 14.25 -3.45 3.67
C LEU A 292 13.78 -2.78 2.38
N VAL A 293 13.94 -1.46 2.29
CA VAL A 293 13.52 -0.73 1.09
C VAL A 293 14.31 -1.23 -0.13
N LEU A 294 15.64 -1.28 0.00
CA LEU A 294 16.47 -1.73 -1.11
C LEU A 294 16.14 -3.16 -1.53
N GLU A 295 15.73 -4.01 -0.58
CA GLU A 295 15.41 -5.39 -0.91
C GLU A 295 14.04 -5.51 -1.56
N VAL A 296 13.06 -4.76 -1.06
CA VAL A 296 11.71 -4.84 -1.61
C VAL A 296 11.65 -4.18 -2.99
N PHE A 297 12.29 -3.03 -3.15
CA PHE A 297 12.25 -2.31 -4.41
C PHE A 297 13.42 -2.64 -5.33
N GLY A 298 14.32 -3.51 -4.92
CA GLY A 298 15.35 -3.99 -5.81
C GLY A 298 14.82 -5.01 -6.80
N SER A 299 15.63 -5.31 -7.81
CA SER A 299 15.24 -6.23 -8.86
C SER A 299 16.01 -7.56 -8.80
N GLU A 300 16.62 -7.85 -7.66
CA GLU A 300 17.43 -9.07 -7.52
C GLU A 300 16.55 -10.24 -7.09
N VAL A 301 15.68 -10.65 -8.00
CA VAL A 301 14.79 -11.78 -7.75
C VAL A 301 15.52 -13.08 -8.05
N ARG B 1 18.39 -13.26 -3.35
CA ARG B 1 18.57 -13.36 -1.91
C ARG B 1 17.24 -13.24 -1.18
N HIS B 2 16.86 -11.99 -0.86
CA HIS B 2 15.62 -11.69 -0.14
C HIS B 2 15.63 -12.32 1.26
N LYS B 3 16.71 -12.05 2.01
CA LYS B 3 16.83 -12.60 3.35
C LYS B 3 15.85 -11.96 4.33
N ILE B 4 15.71 -10.63 4.27
CA ILE B 4 14.81 -9.93 5.19
C ILE B 4 13.37 -10.34 4.92
N LEU B 5 12.95 -10.31 3.66
CA LEU B 5 11.58 -10.70 3.32
C LEU B 5 11.27 -12.12 3.76
N HIS B 6 12.19 -13.06 3.52
CA HIS B 6 12.00 -14.42 4.01
C HIS B 6 11.84 -14.45 5.51
N ARG B 7 12.61 -13.63 6.23
CA ARG B 7 12.51 -13.60 7.68
C ARG B 7 11.20 -12.97 8.13
N LEU B 8 10.81 -11.86 7.52
CA LEU B 8 9.59 -11.16 7.94
C LEU B 8 8.35 -11.98 7.64
N LEU B 9 8.40 -12.89 6.67
CA LEU B 9 7.27 -13.75 6.36
C LEU B 9 7.22 -14.94 7.32
N GLN B 10 7.79 -14.76 8.51
CA GLN B 10 7.79 -15.77 9.56
C GLN B 10 8.37 -17.10 9.09
#